data_5H0K
#
_entry.id   5H0K
#
_cell.length_a   56.714
_cell.length_b   56.714
_cell.length_c   144.539
_cell.angle_alpha   90.00
_cell.angle_beta   90.00
_cell.angle_gamma   90.00
#
_symmetry.space_group_name_H-M   'P 41 21 2'
#
loop_
_entity.id
_entity.type
_entity.pdbx_description
1 polymer 'Uncharacterized protein'
2 water water
#
_entity_poly.entity_id   1
_entity_poly.type   'polypeptide(L)'
_entity_poly.pdbx_seq_one_letter_code
;MMTFADKVIQFNKDLSYTGSTLPPGIRIMNPFKEHEQTMHIVEAFYHKYYNDNQSRYLILGINPYRFGSGLTGIPFTDPK
RLITECNIPYSGKLSHEPSSVFIYEMINAFGGAEAFYKQFYISSPCPLGFTSIAANGKEKNYNYYDSKALEKAVYEFIIE
NIRKQLTLGITTDTCFCLGTGKNEKFLMKVNAQYKFFKRIVALEHPRFIMQYKTASKQFYIDKYISAFKALNNSAILEHH
HHHH
;
_entity_poly.pdbx_strand_id   A
#
# COMPACT_ATOMS: atom_id res chain seq x y z
N MET A 1 4.84 13.80 17.04
CA MET A 1 4.89 13.77 15.58
C MET A 1 6.34 13.73 15.13
N MET A 2 7.23 13.22 15.99
CA MET A 2 8.65 13.49 15.82
C MET A 2 9.21 12.62 14.71
N THR A 3 9.11 11.29 14.84
CA THR A 3 9.72 10.39 13.87
C THR A 3 8.78 10.14 12.69
N PHE A 4 9.36 9.61 11.62
CA PHE A 4 8.58 9.07 10.50
C PHE A 4 7.47 8.16 10.99
N ALA A 5 7.82 7.20 11.87
CA ALA A 5 6.83 6.29 12.41
C ALA A 5 5.71 7.04 13.13
N ASP A 6 6.08 8.01 13.98
CA ASP A 6 5.08 8.80 14.69
C ASP A 6 4.08 9.43 13.73
N LYS A 7 4.59 9.97 12.62
CA LYS A 7 3.72 10.64 11.65
C LYS A 7 2.79 9.65 10.96
N VAL A 8 3.33 8.48 10.55
CA VAL A 8 2.47 7.47 9.94
C VAL A 8 1.39 7.03 10.92
N ILE A 9 1.77 6.79 12.17
CA ILE A 9 0.81 6.35 13.19
C ILE A 9 -0.29 7.38 13.36
N GLN A 10 0.07 8.66 13.47
CA GLN A 10 -0.95 9.69 13.64
C GLN A 10 -1.84 9.80 12.40
N PHE A 11 -1.25 9.66 11.21
CA PHE A 11 -2.02 9.62 9.98
C PHE A 11 -3.09 8.53 10.01
N ASN A 12 -2.67 7.30 10.32
CA ASN A 12 -3.59 6.19 10.27
C ASN A 12 -4.65 6.33 11.36
N LYS A 13 -4.25 6.84 12.53
CA LYS A 13 -5.19 7.09 13.61
C LYS A 13 -6.27 8.09 13.19
N ASP A 14 -5.88 9.14 12.46
CA ASP A 14 -6.79 10.23 12.13
C ASP A 14 -7.55 9.98 10.83
N LEU A 15 -7.19 8.96 10.07
CA LEU A 15 -7.73 8.79 8.73
C LEU A 15 -9.22 8.52 8.76
N SER A 16 -9.97 9.29 7.98
CA SER A 16 -11.41 9.14 7.82
C SER A 16 -11.79 9.57 6.42
N TYR A 17 -12.83 8.96 5.88
CA TYR A 17 -13.25 9.26 4.52
C TYR A 17 -13.89 10.64 4.46
N THR A 18 -13.34 11.51 3.58
CA THR A 18 -13.85 12.86 3.40
C THR A 18 -14.27 13.12 1.96
N GLY A 19 -14.39 12.08 1.15
CA GLY A 19 -14.82 12.22 -0.23
C GLY A 19 -16.33 12.33 -0.37
N SER A 20 -16.78 12.16 -1.62
CA SER A 20 -18.19 12.30 -1.96
C SER A 20 -18.94 11.00 -1.75
N THR A 21 -20.27 11.09 -1.78
CA THR A 21 -21.14 9.93 -1.64
C THR A 21 -20.76 8.84 -2.64
N LEU A 22 -20.60 7.61 -2.14
CA LEU A 22 -20.16 6.50 -2.96
C LEU A 22 -21.31 5.93 -3.79
N PRO A 23 -21.00 5.16 -4.84
CA PRO A 23 -22.06 4.53 -5.64
C PRO A 23 -22.89 3.57 -4.79
N PRO A 24 -24.06 3.19 -5.29
CA PRO A 24 -24.93 2.28 -4.53
C PRO A 24 -24.22 0.98 -4.19
N GLY A 25 -24.44 0.50 -2.96
CA GLY A 25 -23.93 -0.78 -2.52
C GLY A 25 -22.53 -0.78 -1.96
N ILE A 26 -21.78 0.32 -2.11
CA ILE A 26 -20.37 0.37 -1.74
C ILE A 26 -20.23 1.01 -0.36
N ARG A 27 -19.45 0.38 0.50
CA ARG A 27 -19.14 0.87 1.84
C ARG A 27 -17.64 1.13 1.94
N ILE A 28 -17.29 2.24 2.57
CA ILE A 28 -15.89 2.49 2.91
C ILE A 28 -15.35 1.36 3.77
N MET A 29 -14.09 0.97 3.53
CA MET A 29 -13.43 -0.03 4.36
C MET A 29 -12.15 0.60 4.91
N ASN A 30 -12.19 0.94 6.19
CA ASN A 30 -11.06 1.58 6.88
C ASN A 30 -10.43 0.53 7.80
N PRO A 31 -9.29 -0.05 7.42
CA PRO A 31 -8.72 -1.12 8.27
C PRO A 31 -8.46 -0.68 9.70
N PHE A 32 -8.17 0.59 9.90
CA PHE A 32 -7.80 1.10 11.21
C PHE A 32 -9.00 1.32 12.13
N LYS A 33 -10.21 1.40 11.59
CA LYS A 33 -11.41 1.45 12.40
C LYS A 33 -12.15 0.13 12.46
N GLU A 34 -11.72 -0.88 11.69
CA GLU A 34 -12.45 -2.16 11.66
C GLU A 34 -12.25 -2.93 12.96
N HIS A 35 -11.00 -3.15 13.36
CA HIS A 35 -10.71 -3.96 14.55
C HIS A 35 -9.67 -3.26 15.40
N GLU A 36 -9.81 -3.40 16.72
CA GLU A 36 -8.94 -2.70 17.67
C GLU A 36 -7.50 -3.18 17.60
N GLN A 37 -7.26 -4.39 17.10
CA GLN A 37 -5.88 -4.89 17.04
C GLN A 37 -5.06 -4.15 16.00
N THR A 38 -5.71 -3.58 14.99
CA THR A 38 -4.99 -3.04 13.83
C THR A 38 -4.02 -1.94 14.23
N MET A 39 -4.48 -0.94 15.00
CA MET A 39 -3.57 0.13 15.37
C MET A 39 -2.45 -0.35 16.27
N HIS A 40 -2.69 -1.40 17.06
CA HIS A 40 -1.59 -1.92 17.85
C HIS A 40 -0.52 -2.48 16.94
N ILE A 41 -0.95 -3.14 15.87
CA ILE A 41 0.01 -3.67 14.91
C ILE A 41 0.68 -2.52 14.21
N VAL A 42 -0.10 -1.52 13.82
CA VAL A 42 0.48 -0.33 13.21
C VAL A 42 1.59 0.24 14.08
N GLU A 43 1.30 0.44 15.37
CA GLU A 43 2.30 0.99 16.26
C GLU A 43 3.52 0.09 16.32
N ALA A 44 3.28 -1.21 16.44
CA ALA A 44 4.41 -2.13 16.55
C ALA A 44 5.25 -2.13 15.29
N PHE A 45 4.62 -2.10 14.12
CA PHE A 45 5.37 -2.21 12.88
C PHE A 45 6.21 -0.98 12.59
N TYR A 46 5.59 0.20 12.59
CA TYR A 46 6.34 1.39 12.21
C TYR A 46 7.39 1.78 13.24
N HIS A 47 7.11 1.55 14.53
CA HIS A 47 8.15 1.80 15.52
C HIS A 47 9.31 0.84 15.35
N LYS A 48 9.06 -0.31 14.74
CA LYS A 48 10.16 -1.22 14.50
C LYS A 48 11.01 -0.77 13.33
N TYR A 49 10.38 -0.32 12.24
CA TYR A 49 11.11 -0.16 10.99
C TYR A 49 11.31 1.28 10.56
N TYR A 50 10.61 2.22 11.17
CA TYR A 50 10.63 3.61 10.74
C TYR A 50 10.96 4.53 11.90
N ASN A 51 11.71 4.01 12.88
CA ASN A 51 12.01 4.73 14.12
C ASN A 51 13.22 5.64 13.91
N ASP A 52 13.05 6.62 13.02
CA ASP A 52 14.11 7.54 12.64
C ASP A 52 13.48 8.73 11.94
N ASN A 53 14.33 9.63 11.45
CA ASN A 53 13.89 10.80 10.70
C ASN A 53 14.56 10.83 9.33
N GLN A 54 14.93 9.66 8.81
CA GLN A 54 15.45 9.58 7.46
C GLN A 54 14.31 9.65 6.45
N SER A 55 14.61 10.17 5.27
CA SER A 55 13.61 10.20 4.22
C SER A 55 13.42 8.80 3.64
N ARG A 56 12.35 8.64 2.86
CA ARG A 56 12.03 7.37 2.22
C ARG A 56 11.62 7.62 0.78
N TYR A 57 11.86 6.64 -0.09
CA TYR A 57 11.22 6.61 -1.39
C TYR A 57 9.83 5.99 -1.26
N LEU A 58 8.88 6.52 -2.03
CA LEU A 58 7.49 6.09 -1.96
C LEU A 58 7.18 5.00 -2.99
N ILE A 59 6.58 3.91 -2.49
CA ILE A 59 6.00 2.88 -3.33
C ILE A 59 4.48 2.94 -3.11
N LEU A 60 3.73 3.01 -4.21
CA LEU A 60 2.28 3.13 -4.17
C LEU A 60 1.63 1.87 -4.73
N GLY A 61 0.80 1.25 -3.92
CA GLY A 61 -0.12 0.23 -4.37
C GLY A 61 -1.39 0.85 -4.94
N ILE A 62 -2.50 0.14 -4.79
CA ILE A 62 -3.76 0.61 -5.35
C ILE A 62 -4.63 1.14 -4.22
N ASN A 63 -5.14 0.25 -3.40
CA ASN A 63 -5.80 0.61 -2.14
C ASN A 63 -6.03 -0.67 -1.33
N PRO A 64 -6.26 -0.52 -0.02
CA PRO A 64 -6.46 -1.72 0.82
C PRO A 64 -7.67 -2.54 0.42
N TYR A 65 -7.60 -3.82 0.76
CA TYR A 65 -8.71 -4.75 0.66
C TYR A 65 -9.00 -5.31 2.04
N ARG A 66 -10.17 -5.92 2.19
CA ARG A 66 -10.61 -6.32 3.53
C ARG A 66 -9.75 -7.46 4.07
N PHE A 67 -9.29 -8.33 3.19
CA PHE A 67 -8.53 -9.50 3.58
C PHE A 67 -7.04 -9.19 3.73
N GLY A 68 -6.32 -10.18 4.25
CA GLY A 68 -4.87 -10.15 4.26
C GLY A 68 -4.35 -8.95 5.03
N SER A 69 -3.61 -8.09 4.35
CA SER A 69 -3.07 -6.89 5.00
C SER A 69 -4.14 -5.95 5.52
N GLY A 70 -5.38 -6.06 5.05
CA GLY A 70 -6.46 -5.28 5.62
C GLY A 70 -6.75 -5.65 7.07
N LEU A 71 -6.31 -6.83 7.49
CA LEU A 71 -6.47 -7.24 8.87
C LEU A 71 -5.29 -6.83 9.75
N THR A 72 -4.18 -6.41 9.15
CA THR A 72 -3.03 -5.94 9.89
C THR A 72 -2.85 -4.43 9.83
N GLY A 73 -3.41 -3.77 8.82
CA GLY A 73 -3.15 -2.38 8.59
C GLY A 73 -1.79 -2.06 7.98
N ILE A 74 -1.00 -3.06 7.65
CA ILE A 74 0.36 -2.89 7.14
C ILE A 74 0.36 -3.28 5.67
N PRO A 75 0.74 -2.39 4.76
CA PRO A 75 0.66 -2.69 3.33
C PRO A 75 1.39 -3.97 2.96
N PHE A 76 0.71 -4.82 2.17
CA PHE A 76 1.26 -6.06 1.63
C PHE A 76 1.80 -7.00 2.71
N THR A 77 1.26 -6.89 3.93
CA THR A 77 1.73 -7.70 5.05
C THR A 77 0.52 -8.40 5.68
N ASP A 78 0.25 -9.64 5.27
CA ASP A 78 -0.86 -10.39 5.82
C ASP A 78 -0.47 -10.96 7.18
N PRO A 79 -1.39 -11.58 7.91
CA PRO A 79 -1.02 -12.04 9.27
C PRO A 79 0.16 -13.00 9.29
N LYS A 80 0.23 -13.95 8.35
CA LYS A 80 1.33 -14.90 8.36
C LYS A 80 2.65 -14.18 8.14
N ARG A 81 2.70 -13.25 7.19
CA ARG A 81 3.95 -12.53 6.96
C ARG A 81 4.29 -11.62 8.14
N LEU A 82 3.28 -11.03 8.78
CA LEU A 82 3.53 -10.25 9.98
C LEU A 82 4.20 -11.09 11.05
N ILE A 83 3.71 -12.33 11.24
CA ILE A 83 4.27 -13.19 12.29
C ILE A 83 5.66 -13.68 11.91
N THR A 84 5.80 -14.22 10.71
CA THR A 84 7.00 -14.94 10.33
C THR A 84 8.11 -14.03 9.81
N GLU A 85 7.76 -12.96 9.11
CA GLU A 85 8.76 -12.06 8.54
C GLU A 85 9.06 -10.84 9.41
N CYS A 86 8.05 -10.25 10.05
CA CYS A 86 8.28 -9.11 10.92
C CYS A 86 8.44 -9.48 12.39
N ASN A 87 8.16 -10.73 12.76
CA ASN A 87 8.22 -11.18 14.15
C ASN A 87 7.37 -10.31 15.07
N ILE A 88 6.17 -9.98 14.61
CA ILE A 88 5.20 -9.22 15.36
C ILE A 88 3.96 -10.09 15.56
N PRO A 89 3.51 -10.31 16.79
CA PRO A 89 2.43 -11.28 16.99
C PRO A 89 1.09 -10.81 16.44
N TYR A 90 0.26 -11.79 16.10
CA TYR A 90 -1.07 -11.57 15.54
C TYR A 90 -2.04 -12.56 16.16
N SER A 91 -3.15 -12.06 16.70
CA SER A 91 -4.21 -12.88 17.26
C SER A 91 -5.38 -12.93 16.28
N GLY A 92 -5.85 -14.15 15.98
CA GLY A 92 -7.07 -14.29 15.21
C GLY A 92 -6.85 -15.08 13.95
N LYS A 93 -7.84 -15.00 13.05
CA LYS A 93 -7.84 -15.83 11.85
C LYS A 93 -6.75 -15.37 10.89
N LEU A 94 -6.00 -16.34 10.36
CA LEU A 94 -5.06 -16.02 9.30
C LEU A 94 -5.83 -15.67 8.04
N SER A 95 -5.17 -14.95 7.13
CA SER A 95 -5.82 -14.50 5.91
C SER A 95 -4.75 -14.42 4.83
N HIS A 96 -4.84 -15.30 3.84
CA HIS A 96 -3.76 -15.44 2.87
C HIS A 96 -3.85 -14.35 1.81
N GLU A 97 -2.78 -13.59 1.66
CA GLU A 97 -2.67 -12.58 0.61
C GLU A 97 -1.52 -12.95 -0.32
N PRO A 98 -1.80 -13.33 -1.57
CA PRO A 98 -0.69 -13.71 -2.49
C PRO A 98 0.33 -12.59 -2.67
N SER A 99 -0.16 -11.35 -2.77
CA SER A 99 0.73 -10.20 -2.90
C SER A 99 1.74 -10.15 -1.76
N SER A 100 1.33 -10.55 -0.55
CA SER A 100 2.24 -10.50 0.58
C SER A 100 3.36 -11.52 0.43
N VAL A 101 3.02 -12.71 -0.05
CA VAL A 101 4.04 -13.72 -0.35
C VAL A 101 5.07 -13.16 -1.32
N PHE A 102 4.61 -12.60 -2.45
CA PHE A 102 5.55 -12.05 -3.41
C PHE A 102 6.41 -10.96 -2.77
N ILE A 103 5.75 -10.01 -2.08
CA ILE A 103 6.47 -8.85 -1.58
C ILE A 103 7.53 -9.25 -0.59
N TYR A 104 7.25 -10.25 0.27
CA TYR A 104 8.27 -10.59 1.25
C TYR A 104 9.36 -11.51 0.69
N GLU A 105 9.06 -12.31 -0.34
CA GLU A 105 10.16 -12.97 -1.05
C GLU A 105 11.07 -11.94 -1.72
N MET A 106 10.48 -10.91 -2.31
CA MET A 106 11.27 -9.83 -2.90
C MET A 106 12.08 -9.11 -1.84
N ILE A 107 11.47 -8.83 -0.68
CA ILE A 107 12.16 -8.09 0.36
C ILE A 107 13.35 -8.90 0.89
N ASN A 108 13.18 -10.21 1.07
CA ASN A 108 14.32 -11.02 1.49
C ASN A 108 15.40 -11.07 0.42
N ALA A 109 15.00 -11.16 -0.87
CA ALA A 109 16.01 -11.10 -1.91
C ALA A 109 16.74 -9.76 -1.89
N PHE A 110 16.05 -8.71 -1.44
CA PHE A 110 16.63 -7.36 -1.36
C PHE A 110 17.64 -7.25 -0.23
N GLY A 111 17.49 -8.03 0.84
CA GLY A 111 18.35 -7.89 1.99
C GLY A 111 17.65 -7.89 3.33
N GLY A 112 16.33 -8.09 3.33
CA GLY A 112 15.60 -8.21 4.58
C GLY A 112 14.71 -7.00 4.85
N ALA A 113 13.75 -7.21 5.76
CA ALA A 113 12.75 -6.20 6.04
C ALA A 113 13.38 -4.91 6.58
N GLU A 114 14.36 -5.04 7.48
CA GLU A 114 14.97 -3.86 8.09
C GLU A 114 15.66 -2.99 7.04
N ALA A 115 16.45 -3.60 6.16
CA ALA A 115 17.16 -2.84 5.14
C ALA A 115 16.17 -2.21 4.15
N PHE A 116 15.18 -2.98 3.71
CA PHE A 116 14.23 -2.46 2.73
C PHE A 116 13.41 -1.31 3.30
N TYR A 117 12.82 -1.51 4.47
CA TYR A 117 11.99 -0.47 5.08
C TYR A 117 12.79 0.70 5.62
N LYS A 118 14.11 0.57 5.75
CA LYS A 118 14.96 1.71 6.04
C LYS A 118 14.97 2.67 4.85
N GLN A 119 14.74 2.16 3.64
CA GLN A 119 14.83 2.89 2.39
C GLN A 119 13.49 3.20 1.76
N PHE A 120 12.48 2.36 1.96
CA PHE A 120 11.23 2.46 1.23
C PHE A 120 10.05 2.48 2.19
N TYR A 121 9.01 3.19 1.76
CA TYR A 121 7.75 3.29 2.50
C TYR A 121 6.63 3.00 1.53
N ILE A 122 5.79 2.04 1.86
CA ILE A 122 4.70 1.62 0.99
C ILE A 122 3.40 2.28 1.44
N SER A 123 2.67 2.86 0.50
CA SER A 123 1.32 3.39 0.74
C SER A 123 0.49 3.08 -0.50
N SER A 124 -0.60 3.83 -0.69
CA SER A 124 -1.46 3.71 -1.85
C SER A 124 -2.13 5.05 -2.10
N PRO A 125 -2.50 5.36 -3.35
CA PRO A 125 -3.16 6.66 -3.60
C PRO A 125 -4.41 6.83 -2.76
N CYS A 126 -5.27 5.82 -2.74
CA CYS A 126 -6.44 5.80 -1.90
C CYS A 126 -6.14 5.01 -0.65
N PRO A 127 -6.17 5.61 0.54
CA PRO A 127 -5.76 4.88 1.74
C PRO A 127 -6.86 4.00 2.33
N LEU A 128 -8.06 4.04 1.78
CA LEU A 128 -9.18 3.23 2.23
C LEU A 128 -9.58 2.26 1.13
N GLY A 129 -10.29 1.21 1.54
CA GLY A 129 -10.86 0.26 0.62
C GLY A 129 -12.36 0.42 0.47
N PHE A 130 -12.94 -0.49 -0.29
CA PHE A 130 -14.37 -0.45 -0.60
C PHE A 130 -14.88 -1.87 -0.70
N THR A 131 -16.06 -2.13 -0.16
CA THR A 131 -16.67 -3.44 -0.23
C THR A 131 -18.12 -3.31 -0.63
N SER A 132 -18.65 -4.37 -1.23
CA SER A 132 -20.07 -4.56 -1.44
C SER A 132 -20.38 -6.00 -1.14
N ILE A 133 -21.65 -6.27 -0.87
CA ILE A 133 -22.13 -7.61 -0.57
C ILE A 133 -23.23 -7.95 -1.56
N ALA A 134 -23.10 -9.09 -2.22
CA ALA A 134 -24.03 -9.50 -3.26
C ALA A 134 -25.28 -10.10 -2.61
N ALA A 135 -26.30 -10.35 -3.43
CA ALA A 135 -27.52 -10.96 -2.90
C ALA A 135 -27.28 -12.32 -2.23
N ASN A 136 -26.32 -13.12 -2.73
CA ASN A 136 -25.91 -14.40 -2.12
C ASN A 136 -25.05 -14.26 -0.87
N GLY A 137 -24.59 -13.05 -0.54
CA GLY A 137 -23.74 -12.84 0.62
C GLY A 137 -22.23 -12.82 0.35
N LYS A 138 -21.78 -13.08 -0.87
CA LYS A 138 -20.34 -13.01 -1.13
C LYS A 138 -19.92 -11.55 -1.09
N GLU A 139 -18.72 -11.28 -0.58
CA GLU A 139 -18.27 -9.89 -0.49
C GLU A 139 -17.24 -9.60 -1.57
N LYS A 140 -17.40 -8.43 -2.20
CA LYS A 140 -16.55 -7.94 -3.25
C LYS A 140 -15.75 -6.76 -2.75
N ASN A 141 -14.47 -6.75 -3.10
CA ASN A 141 -13.57 -5.65 -2.87
C ASN A 141 -13.34 -4.89 -4.17
N TYR A 142 -13.21 -3.58 -4.06
CA TYR A 142 -13.06 -2.73 -5.23
C TYR A 142 -11.70 -2.04 -5.22
N ASN A 143 -11.19 -1.79 -6.41
CA ASN A 143 -10.14 -0.80 -6.62
C ASN A 143 -10.79 0.55 -6.88
N TYR A 144 -10.11 1.62 -6.47
CA TYR A 144 -10.68 2.95 -6.59
C TYR A 144 -11.05 3.29 -8.03
N TYR A 145 -10.40 2.66 -9.01
CA TYR A 145 -10.63 2.96 -10.41
C TYR A 145 -11.64 2.03 -11.08
N ASP A 146 -12.36 1.21 -10.31
CA ASP A 146 -13.17 0.18 -10.95
C ASP A 146 -14.38 0.74 -11.69
N SER A 147 -14.74 2.00 -11.45
CA SER A 147 -15.78 2.66 -12.22
C SER A 147 -15.53 4.16 -12.21
N LYS A 148 -16.05 4.85 -13.23
CA LYS A 148 -15.91 6.29 -13.31
C LYS A 148 -16.59 6.99 -12.13
N ALA A 149 -17.71 6.44 -11.67
CA ALA A 149 -18.43 7.06 -10.55
C ALA A 149 -17.63 6.94 -9.25
N LEU A 150 -17.09 5.76 -8.96
CA LEU A 150 -16.28 5.58 -7.76
C LEU A 150 -15.06 6.50 -7.78
N GLU A 151 -14.32 6.49 -8.89
CA GLU A 151 -13.13 7.33 -9.01
C GLU A 151 -13.48 8.79 -8.85
N LYS A 152 -14.59 9.22 -9.47
CA LYS A 152 -15.03 10.60 -9.36
C LYS A 152 -15.35 10.93 -7.91
N ALA A 153 -15.97 9.99 -7.19
CA ALA A 153 -16.34 10.23 -5.81
C ALA A 153 -15.10 10.43 -4.94
N VAL A 154 -14.04 9.67 -5.18
CA VAL A 154 -12.87 9.68 -4.29
C VAL A 154 -11.69 10.50 -4.82
N TYR A 155 -11.84 11.23 -5.94
CA TYR A 155 -10.66 11.83 -6.57
C TYR A 155 -9.92 12.81 -5.66
N GLU A 156 -10.61 13.83 -5.12
CA GLU A 156 -9.90 14.81 -4.29
C GLU A 156 -9.39 14.18 -3.00
N PHE A 157 -10.15 13.24 -2.44
CA PHE A 157 -9.68 12.50 -1.27
C PHE A 157 -8.34 11.83 -1.56
N ILE A 158 -8.21 11.28 -2.77
CA ILE A 158 -6.96 10.62 -3.16
C ILE A 158 -5.82 11.65 -3.29
N ILE A 159 -6.07 12.76 -4.00
CA ILE A 159 -5.04 13.78 -4.16
C ILE A 159 -4.56 14.31 -2.81
N GLU A 160 -5.50 14.58 -1.90
CA GLU A 160 -5.13 15.07 -0.58
C GLU A 160 -4.33 14.03 0.18
N ASN A 161 -4.69 12.75 0.01
CA ASN A 161 -3.91 11.69 0.67
C ASN A 161 -2.48 11.64 0.15
N ILE A 162 -2.29 11.75 -1.17
CA ILE A 162 -0.94 11.72 -1.73
C ILE A 162 -0.12 12.89 -1.20
N ARG A 163 -0.72 14.08 -1.19
CA ARG A 163 -0.04 15.26 -0.66
C ARG A 163 0.38 14.99 0.79
N LYS A 164 -0.54 14.42 1.57
CA LYS A 164 -0.27 14.10 2.97
C LYS A 164 0.85 13.09 3.13
N GLN A 165 0.89 12.08 2.26
CA GLN A 165 1.99 11.12 2.31
C GLN A 165 3.31 11.82 2.04
N LEU A 166 3.31 12.78 1.09
CA LEU A 166 4.54 13.51 0.81
C LEU A 166 5.03 14.31 2.01
N THR A 167 4.13 14.74 2.91
CA THR A 167 4.65 15.48 4.06
C THR A 167 5.47 14.61 5.03
N LEU A 168 5.49 13.29 4.85
CA LEU A 168 6.23 12.43 5.78
C LEU A 168 7.73 12.60 5.68
N GLY A 169 8.24 13.08 4.55
CA GLY A 169 9.67 13.12 4.31
C GLY A 169 10.05 12.16 3.21
N ILE A 170 9.62 12.47 2.00
CA ILE A 170 9.70 11.54 0.87
C ILE A 170 10.67 12.12 -0.16
N THR A 171 11.63 11.31 -0.59
CA THR A 171 12.48 11.67 -1.72
C THR A 171 11.67 11.52 -3.00
N THR A 172 11.42 12.63 -3.69
CA THR A 172 10.42 12.69 -4.75
C THR A 172 11.00 12.46 -6.14
N ASP A 173 12.28 12.07 -6.24
CA ASP A 173 12.86 11.83 -7.56
C ASP A 173 12.07 10.76 -8.31
N THR A 174 11.79 9.64 -7.63
CA THR A 174 11.09 8.53 -8.23
C THR A 174 10.02 8.03 -7.27
N CYS A 175 8.78 7.91 -7.76
CA CYS A 175 7.74 7.13 -7.09
C CYS A 175 7.56 5.83 -7.85
N PHE A 176 7.47 4.72 -7.12
CA PHE A 176 7.22 3.44 -7.77
C PHE A 176 5.73 3.12 -7.75
N CYS A 177 5.18 2.80 -8.92
CA CYS A 177 3.76 2.48 -9.07
C CYS A 177 3.58 1.00 -9.31
N LEU A 178 2.87 0.32 -8.40
CA LEU A 178 2.56 -1.11 -8.56
C LEU A 178 1.19 -1.24 -9.22
N GLY A 179 1.19 -1.79 -10.43
CA GLY A 179 0.00 -1.91 -11.25
C GLY A 179 0.21 -1.18 -12.56
N THR A 180 0.48 -1.94 -13.62
CA THR A 180 0.80 -1.35 -14.92
C THR A 180 -0.45 -1.08 -15.73
N GLY A 181 -1.61 -1.30 -15.13
CA GLY A 181 -2.85 -1.03 -15.81
C GLY A 181 -3.44 0.31 -15.42
N LYS A 182 -4.61 0.28 -14.79
CA LYS A 182 -5.33 1.50 -14.50
C LYS A 182 -4.65 2.34 -13.42
N ASN A 183 -3.95 1.70 -12.49
CA ASN A 183 -3.20 2.45 -11.48
C ASN A 183 -2.17 3.35 -12.15
N GLU A 184 -1.43 2.79 -13.10
CA GLU A 184 -0.44 3.58 -13.83
C GLU A 184 -1.09 4.74 -14.57
N LYS A 185 -2.18 4.49 -15.28
CA LYS A 185 -2.82 5.56 -16.04
C LYS A 185 -3.25 6.70 -15.11
N PHE A 186 -3.83 6.33 -13.96
CA PHE A 186 -4.26 7.33 -12.99
C PHE A 186 -3.06 8.12 -12.46
N LEU A 187 -2.01 7.42 -12.03
CA LEU A 187 -0.89 8.10 -11.40
C LEU A 187 -0.09 8.94 -12.39
N MET A 188 -0.06 8.53 -13.67
CA MET A 188 0.59 9.38 -14.67
C MET A 188 -0.21 10.65 -14.92
N LYS A 189 -1.53 10.54 -15.00
CA LYS A 189 -2.36 11.74 -15.13
C LYS A 189 -2.23 12.64 -13.91
N VAL A 190 -2.28 12.05 -12.69
CA VAL A 190 -2.10 12.85 -11.47
C VAL A 190 -0.76 13.57 -11.50
N ASN A 191 0.32 12.84 -11.84
CA ASN A 191 1.65 13.43 -11.74
C ASN A 191 1.86 14.49 -12.81
N ALA A 192 1.22 14.33 -13.96
CA ALA A 192 1.26 15.39 -14.96
C ALA A 192 0.53 16.62 -14.47
N GLN A 193 -0.53 16.43 -13.68
CA GLN A 193 -1.26 17.60 -13.19
C GLN A 193 -0.52 18.32 -12.07
N TYR A 194 -0.01 17.56 -11.09
CA TYR A 194 0.53 18.16 -9.90
C TYR A 194 2.06 18.09 -9.78
N LYS A 195 2.73 17.26 -10.57
CA LYS A 195 4.19 17.16 -10.54
C LYS A 195 4.73 16.81 -9.15
N PHE A 196 4.08 15.83 -8.53
CA PHE A 196 4.53 15.37 -7.23
C PHE A 196 5.93 14.80 -7.35
N PHE A 197 6.19 14.07 -8.42
CA PHE A 197 7.42 13.32 -8.58
C PHE A 197 8.07 13.66 -9.90
N LYS A 198 9.40 13.59 -9.88
CA LYS A 198 10.21 13.83 -11.05
C LYS A 198 9.96 12.76 -12.11
N ARG A 199 9.73 11.52 -11.68
CA ARG A 199 9.40 10.43 -12.57
C ARG A 199 8.65 9.36 -11.79
N ILE A 200 7.87 8.56 -12.52
CA ILE A 200 7.18 7.40 -11.97
C ILE A 200 7.65 6.15 -12.70
N VAL A 201 8.04 5.14 -11.94
CA VAL A 201 8.43 3.83 -12.48
C VAL A 201 7.33 2.84 -12.12
N ALA A 202 6.70 2.26 -13.13
CA ALA A 202 5.62 1.32 -12.92
C ALA A 202 6.14 -0.11 -12.95
N LEU A 203 5.67 -0.93 -12.01
CA LEU A 203 6.00 -2.35 -11.92
C LEU A 203 4.71 -3.15 -11.87
N GLU A 204 4.74 -4.37 -12.43
CA GLU A 204 3.58 -5.24 -12.32
C GLU A 204 3.17 -5.42 -10.87
N HIS A 205 1.86 -5.35 -10.63
CA HIS A 205 1.35 -5.46 -9.28
C HIS A 205 1.61 -6.87 -8.75
N PRO A 206 2.00 -7.00 -7.47
CA PRO A 206 2.24 -8.34 -6.90
C PRO A 206 1.10 -9.32 -7.10
N ARG A 207 -0.16 -8.84 -7.05
CA ARG A 207 -1.29 -9.74 -7.25
C ARG A 207 -1.31 -10.27 -8.68
N PHE A 208 -1.06 -9.40 -9.66
CA PHE A 208 -0.95 -9.85 -11.05
C PHE A 208 0.14 -10.89 -11.19
N ILE A 209 1.33 -10.61 -10.64
CA ILE A 209 2.44 -11.54 -10.70
C ILE A 209 2.06 -12.90 -10.13
N MET A 210 1.49 -12.92 -8.92
CA MET A 210 1.13 -14.18 -8.29
C MET A 210 0.08 -14.94 -9.08
N GLN A 211 -0.84 -14.23 -9.73
CA GLN A 211 -1.97 -14.91 -10.35
C GLN A 211 -1.71 -15.31 -11.79
N TYR A 212 -0.93 -14.53 -12.53
CA TYR A 212 -0.73 -14.76 -13.95
C TYR A 212 0.72 -14.95 -14.37
N LYS A 213 1.69 -14.67 -13.51
CA LYS A 213 3.08 -14.84 -13.87
C LYS A 213 3.76 -15.71 -12.84
N THR A 214 2.97 -16.61 -12.25
CA THR A 214 3.40 -17.38 -11.09
C THR A 214 4.70 -18.11 -11.36
N ALA A 215 4.76 -18.89 -12.44
CA ALA A 215 5.98 -19.58 -12.79
C ALA A 215 7.17 -18.63 -12.95
N SER A 216 6.93 -17.35 -13.21
CA SER A 216 8.01 -16.39 -13.43
C SER A 216 8.22 -15.45 -12.24
N LYS A 217 7.72 -15.80 -11.04
CA LYS A 217 7.80 -14.84 -9.94
C LYS A 217 9.24 -14.38 -9.71
N GLN A 218 10.21 -15.27 -9.88
CA GLN A 218 11.60 -14.90 -9.62
C GLN A 218 12.03 -13.78 -10.55
N PHE A 219 11.65 -13.85 -11.83
CA PHE A 219 12.00 -12.77 -12.75
C PHE A 219 11.48 -11.44 -12.23
N TYR A 220 10.24 -11.44 -11.72
CA TYR A 220 9.68 -10.18 -11.27
C TYR A 220 10.34 -9.71 -9.99
N ILE A 221 10.78 -10.66 -9.15
CA ILE A 221 11.63 -10.26 -8.03
C ILE A 221 12.82 -9.49 -8.56
N ASP A 222 13.50 -10.07 -9.56
CA ASP A 222 14.68 -9.41 -10.09
C ASP A 222 14.30 -8.07 -10.67
N LYS A 223 13.14 -8.01 -11.34
CA LYS A 223 12.73 -6.74 -11.94
C LYS A 223 12.57 -5.68 -10.88
N TYR A 224 11.88 -6.02 -9.78
CA TYR A 224 11.73 -5.04 -8.72
C TYR A 224 13.09 -4.59 -8.24
N ILE A 225 13.96 -5.56 -7.98
CA ILE A 225 15.23 -5.22 -7.34
C ILE A 225 16.11 -4.46 -8.31
N SER A 226 15.95 -4.70 -9.61
CA SER A 226 16.79 -3.95 -10.54
C SER A 226 16.31 -2.52 -10.64
N ALA A 227 15.01 -2.29 -10.43
CA ALA A 227 14.48 -0.93 -10.44
C ALA A 227 14.95 -0.16 -9.22
N PHE A 228 14.96 -0.81 -8.05
CA PHE A 228 15.45 -0.14 -6.85
C PHE A 228 16.95 0.09 -6.95
N LYS A 229 17.68 -0.83 -7.59
CA LYS A 229 19.12 -0.66 -7.76
C LYS A 229 19.43 0.51 -8.69
N ALA A 230 18.70 0.60 -9.80
CA ALA A 230 18.91 1.69 -10.75
C ALA A 230 18.77 3.04 -10.06
N LEU A 231 17.75 3.18 -9.22
CA LEU A 231 17.59 4.37 -8.40
C LEU A 231 18.82 4.65 -7.53
N ASN A 232 19.32 3.63 -6.81
CA ASN A 232 20.48 3.85 -5.94
C ASN A 232 21.78 3.97 -6.72
N ASN A 233 21.91 3.24 -7.83
CA ASN A 233 23.08 3.43 -8.68
C ASN A 233 23.19 4.89 -9.08
N SER A 234 22.11 5.44 -9.65
CA SER A 234 22.11 6.80 -10.16
C SER A 234 21.97 7.73 -8.96
#